data_9EML
#
_entry.id   9EML
#
_cell.length_a   167.740
_cell.length_b   167.740
_cell.length_c   52.130
_cell.angle_alpha   90.000
_cell.angle_beta   90.000
_cell.angle_gamma   120.000
#
_symmetry.space_group_name_H-M   'P 31 2 1'
#
loop_
_entity.id
_entity.type
_entity.pdbx_description
1 polymer "2'-O-methyltransferase nsp16"
2 polymer 'Non-structural protein 10'
3 non-polymer "P1-7-METHYLGUANOSINE-P3-ADENOSINE-5',5'-TRIPHOSPHATE"
4 non-polymer 1,2-ETHANEDIOL
5 non-polymer S-ADENOSYLMETHIONINE
6 non-polymer '2-(N-MORPHOLINO)-ETHANESULFONIC ACID'
7 non-polymer '{[-(BIS-CARBOXYMETHYL-AMINO)-ETHYL]-CARBOXYMETHYL-AMINO}-ACETIC ACID'
8 non-polymer "7-METHYL-GUANOSINE-5'-TRIPHOSPHATE-5'-(2'-O-METHYL)-ADENOSINE"
9 non-polymer 'ZINC ION'
10 water water
#
loop_
_entity_poly.entity_id
_entity_poly.type
_entity_poly.pdbx_seq_one_letter_code
_entity_poly.pdbx_strand_id
1 'polypeptide(L)'
;SSQAWQPGVAMPNLYKMQRMLLEKCDLQNYGDSATLPKGIMMNVAKYTQLCQYLNTLTLAVPYNMRVIHFGAGSDKGVAP
GTAVLRQWLPTGTLLVDSDLNDFVSDADSTLIGDCATVHTANKWDLIISDMYDPKTKNVTKENDSKEGFFTYICGFIQQK
LALGGSVAIKITEHSWNADLYKLMGHFAWWTAFVTNVNASSSEAFLIGCNYLGKPREQIDGYVMHANYIFWRNTNPIQLS
SYSLFDMSKFPLKLRGTAVMSLKEGQINDMILSLLSKGRLIIRENNRVVISSDVLVNNENLYFQ
;
A
2 'polypeptide(L)'
;GAGNATEVPANSTVLSFCAFAVDAAKAYKDYLASGGQPITNCVKMLCTHTGTGQAITVTPEANMDQESFGGASCCLYCRC
HIDHPNPKGFCDLKGKYVQIPTTCANDPVGFTLKNTVCTVCGMWKGYGCSCDQLREPMLQ
;
B
#
# COMPACT_ATOMS: atom_id res chain seq x y z
N SER A 2 17.20 -5.00 -21.01
CA SER A 2 16.09 -4.05 -21.10
C SER A 2 15.18 -3.97 -19.84
N GLN A 3 14.48 -2.82 -19.78
CA GLN A 3 13.74 -2.43 -18.60
C GLN A 3 12.50 -3.29 -18.36
N ALA A 4 11.99 -3.96 -19.39
CA ALA A 4 10.65 -4.53 -19.28
C ALA A 4 10.57 -5.69 -18.29
N TRP A 5 11.70 -6.28 -17.88
CA TRP A 5 11.66 -7.35 -16.88
C TRP A 5 11.86 -6.86 -15.47
N GLN A 6 11.96 -5.58 -15.31
CA GLN A 6 12.04 -4.95 -14.01
C GLN A 6 10.64 -4.67 -13.52
N PRO A 7 10.45 -4.49 -12.22
CA PRO A 7 9.14 -4.04 -11.74
C PRO A 7 8.79 -2.65 -12.24
N GLY A 8 9.78 -1.81 -12.48
CA GLY A 8 9.57 -0.49 -13.01
C GLY A 8 10.89 0.18 -13.32
N VAL A 9 10.87 1.51 -13.40
CA VAL A 9 12.02 2.30 -13.78
C VAL A 9 12.21 3.47 -12.82
N ALA A 10 13.41 3.65 -12.34
CA ALA A 10 13.76 4.75 -11.46
C ALA A 10 14.50 5.83 -12.25
N MET A 11 14.27 7.07 -11.86
CA MET A 11 14.84 8.23 -12.52
C MET A 11 16.36 8.19 -12.57
N PRO A 12 16.95 8.08 -13.77
CA PRO A 12 18.41 8.06 -13.85
C PRO A 12 19.03 9.33 -13.28
N ASN A 13 20.21 9.13 -12.69
CA ASN A 13 20.87 10.19 -11.93
C ASN A 13 21.17 11.44 -12.77
N LEU A 14 21.58 11.27 -14.02
CA LEU A 14 21.89 12.45 -14.83
C LEU A 14 20.67 13.34 -14.99
N TYR A 15 19.46 12.78 -14.99
CA TYR A 15 18.31 13.67 -15.03
C TYR A 15 18.17 14.43 -13.72
N LYS A 16 18.46 13.76 -12.59
CA LYS A 16 18.39 14.45 -11.30
C LYS A 16 19.30 15.67 -11.26
N MET A 17 20.34 15.68 -12.08
CA MET A 17 21.41 16.68 -11.98
C MET A 17 21.23 17.87 -12.90
N GLN A 18 20.16 17.91 -13.68
CA GLN A 18 19.93 18.96 -14.63
C GLN A 18 19.34 20.18 -13.94
N ARG A 19 19.06 21.23 -14.73
CA ARG A 19 18.44 22.48 -14.27
C ARG A 19 17.42 22.85 -15.36
N MET A 20 16.48 21.93 -15.59
CA MET A 20 15.47 22.07 -16.62
C MET A 20 14.42 23.08 -16.20
N LEU A 21 13.68 23.56 -17.18
CA LEU A 21 12.45 24.28 -16.93
C LEU A 21 11.25 23.36 -17.09
N LEU A 22 10.15 23.75 -16.47
CA LEU A 22 8.98 22.90 -16.44
C LEU A 22 8.18 23.03 -17.74
N GLU A 23 8.12 21.93 -18.48
CA GLU A 23 7.27 21.82 -19.66
C GLU A 23 6.03 20.98 -19.36
N LYS A 24 5.07 21.04 -20.28
N LYS A 24 5.07 21.04 -20.28
CA LYS A 24 3.95 20.11 -20.23
CA LYS A 24 3.95 20.10 -20.27
C LYS A 24 4.43 18.67 -20.45
C LYS A 24 4.46 18.66 -20.44
N CYS A 25 3.77 17.73 -19.79
CA CYS A 25 4.10 16.33 -19.94
C CYS A 25 3.31 15.76 -21.11
N ASP A 26 4.02 15.08 -22.00
CA ASP A 26 3.47 14.53 -23.22
C ASP A 26 4.12 13.18 -23.50
N LEU A 27 3.48 12.11 -23.05
CA LEU A 27 4.01 10.76 -23.16
C LEU A 27 3.45 10.07 -24.39
N GLN A 28 4.33 9.38 -25.12
CA GLN A 28 3.88 8.85 -26.39
C GLN A 28 2.88 7.70 -26.22
N ASN A 29 2.90 6.98 -25.09
CA ASN A 29 1.97 5.89 -24.86
C ASN A 29 0.81 6.29 -23.95
N TYR A 30 0.57 7.59 -23.79
CA TYR A 30 -0.48 8.06 -22.88
C TYR A 30 -1.82 7.44 -23.26
N GLY A 31 -2.43 6.76 -22.30
CA GLY A 31 -3.73 6.15 -22.47
C GLY A 31 -3.70 4.66 -22.65
N ASP A 32 -2.59 4.10 -23.13
CA ASP A 32 -2.48 2.67 -23.28
C ASP A 32 -2.58 2.02 -21.91
N SER A 33 -3.16 0.84 -21.87
CA SER A 33 -3.29 0.07 -20.65
C SER A 33 -2.54 -1.25 -20.77
N ALA A 34 -1.81 -1.61 -19.71
CA ALA A 34 -1.13 -2.88 -19.70
C ALA A 34 -2.14 -4.02 -19.72
N THR A 35 -1.72 -5.20 -20.15
CA THR A 35 -2.54 -6.39 -19.99
C THR A 35 -2.27 -6.94 -18.60
N LEU A 36 -3.27 -7.00 -17.79
CA LEU A 36 -2.94 -7.48 -16.45
C LEU A 36 -3.21 -8.96 -16.35
N PRO A 37 -2.47 -9.71 -15.55
CA PRO A 37 -2.79 -11.13 -15.35
C PRO A 37 -4.26 -11.28 -14.94
N LYS A 38 -4.82 -12.46 -15.18
CA LYS A 38 -6.25 -12.68 -15.05
C LYS A 38 -6.76 -12.33 -13.66
N GLY A 39 -7.74 -11.45 -13.59
CA GLY A 39 -8.44 -11.19 -12.34
C GLY A 39 -7.68 -10.34 -11.36
N ILE A 40 -6.57 -9.74 -11.78
CA ILE A 40 -5.74 -8.90 -10.93
C ILE A 40 -6.09 -7.44 -11.17
N MET A 41 -6.40 -6.73 -10.08
CA MET A 41 -6.66 -5.31 -10.13
C MET A 41 -5.39 -4.53 -10.44
N MET A 42 -5.54 -3.44 -11.20
CA MET A 42 -4.46 -2.50 -11.38
C MET A 42 -3.66 -2.19 -10.11
N ASN A 43 -4.34 -1.88 -9.01
CA ASN A 43 -3.57 -1.39 -7.86
C ASN A 43 -2.90 -2.51 -7.08
N VAL A 44 -3.33 -3.76 -7.24
CA VAL A 44 -2.51 -4.89 -6.79
C VAL A 44 -1.24 -5.00 -7.63
N ALA A 45 -1.37 -4.91 -8.96
CA ALA A 45 -0.18 -4.93 -9.79
C ALA A 45 0.73 -3.75 -9.47
N LYS A 46 0.15 -2.56 -9.33
CA LYS A 46 0.95 -1.36 -9.12
C LYS A 46 1.76 -1.47 -7.85
N TYR A 47 1.07 -1.80 -6.74
CA TYR A 47 1.72 -1.89 -5.44
C TYR A 47 2.68 -3.07 -5.37
N THR A 48 2.35 -4.16 -6.06
CA THR A 48 3.28 -5.28 -6.11
C THR A 48 4.59 -4.83 -6.72
N GLN A 49 4.53 -4.09 -7.84
CA GLN A 49 5.75 -3.63 -8.48
C GLN A 49 6.50 -2.66 -7.62
N LEU A 50 5.77 -1.79 -6.93
CA LEU A 50 6.43 -0.85 -6.02
C LEU A 50 7.20 -1.60 -4.94
N CYS A 51 6.54 -2.57 -4.30
CA CYS A 51 7.21 -3.35 -3.27
C CYS A 51 8.38 -4.14 -3.84
N GLN A 52 8.23 -4.68 -5.04
CA GLN A 52 9.35 -5.39 -5.67
C GLN A 52 10.55 -4.46 -5.81
N TYR A 53 10.31 -3.19 -6.09
CA TYR A 53 11.42 -2.25 -6.21
C TYR A 53 11.98 -1.86 -4.85
N LEU A 54 11.09 -1.66 -3.88
CA LEU A 54 11.57 -1.36 -2.54
C LEU A 54 12.46 -2.48 -2.03
N ASN A 55 12.22 -3.72 -2.49
CA ASN A 55 13.08 -4.82 -2.08
C ASN A 55 14.53 -4.64 -2.51
N THR A 56 14.84 -3.70 -3.41
CA THR A 56 16.21 -3.51 -3.87
C THR A 56 16.93 -2.39 -3.16
N LEU A 57 16.27 -1.74 -2.19
CA LEU A 57 16.87 -0.67 -1.43
C LEU A 57 17.25 -1.12 -0.02
N THR A 58 17.75 -0.17 0.76
CA THR A 58 18.28 -0.43 2.10
C THR A 58 17.28 -0.06 3.18
N LEU A 59 16.07 -0.57 3.06
CA LEU A 59 15.09 -0.31 4.10
C LEU A 59 15.52 -0.88 5.44
N ALA A 60 15.30 -0.10 6.48
CA ALA A 60 15.32 -0.62 7.83
C ALA A 60 14.07 -1.49 8.02
N VAL A 61 14.26 -2.62 8.67
CA VAL A 61 13.14 -3.53 8.87
C VAL A 61 13.23 -4.08 10.30
N PRO A 62 12.91 -3.25 11.27
CA PRO A 62 12.98 -3.68 12.67
C PRO A 62 11.89 -4.66 13.06
N TYR A 63 12.11 -5.35 14.17
CA TYR A 63 11.03 -6.09 14.82
C TYR A 63 9.92 -5.11 15.19
N ASN A 64 8.68 -5.54 15.05
CA ASN A 64 7.51 -4.68 15.29
C ASN A 64 7.60 -3.40 14.47
N MET A 65 7.81 -3.58 13.18
CA MET A 65 7.76 -2.48 12.24
C MET A 65 6.42 -1.76 12.32
N ARG A 66 6.49 -0.44 12.21
CA ARG A 66 5.33 0.44 12.20
C ARG A 66 5.26 1.10 10.83
N VAL A 67 4.16 0.86 10.10
CA VAL A 67 3.93 1.34 8.75
C VAL A 67 2.57 2.06 8.67
N ILE A 68 2.54 3.23 8.04
CA ILE A 68 1.32 4.01 7.86
C ILE A 68 1.10 4.30 6.37
N HIS A 69 -0.15 4.09 5.92
CA HIS A 69 -0.55 4.08 4.51
C HIS A 69 -1.70 5.06 4.30
N PHE A 70 -1.41 6.23 3.71
CA PHE A 70 -2.40 7.26 3.42
C PHE A 70 -2.99 7.11 2.03
N GLY A 71 -4.24 7.55 1.88
CA GLY A 71 -4.93 7.39 0.62
C GLY A 71 -5.16 5.94 0.25
N ALA A 72 -5.51 5.11 1.21
CA ALA A 72 -5.58 3.66 0.97
C ALA A 72 -6.96 3.19 0.53
N GLY A 73 -7.95 4.07 0.49
CA GLY A 73 -9.25 3.67 0.02
C GLY A 73 -9.34 3.75 -1.51
N SER A 74 -10.48 3.33 -2.03
CA SER A 74 -10.64 3.20 -3.46
C SER A 74 -12.11 3.35 -3.75
N ASP A 75 -12.43 3.70 -4.99
CA ASP A 75 -13.83 3.78 -5.39
C ASP A 75 -14.55 2.44 -5.22
N LYS A 76 -13.82 1.35 -5.00
CA LYS A 76 -14.45 0.04 -4.83
C LYS A 76 -14.87 -0.25 -3.38
N GLY A 77 -14.50 0.59 -2.42
CA GLY A 77 -14.76 0.34 -1.02
C GLY A 77 -13.79 -0.60 -0.32
N VAL A 78 -12.68 -0.93 -0.97
CA VAL A 78 -11.72 -1.87 -0.43
C VAL A 78 -10.34 -1.25 -0.57
N ALA A 79 -9.32 -1.97 -0.10
CA ALA A 79 -7.97 -1.43 0.04
C ALA A 79 -6.97 -2.40 -0.59
N PRO A 80 -6.94 -2.46 -1.92
CA PRO A 80 -5.99 -3.38 -2.58
C PRO A 80 -4.56 -3.09 -2.17
N GLY A 81 -4.16 -1.81 -2.16
CA GLY A 81 -2.83 -1.43 -1.69
C GLY A 81 -2.49 -1.98 -0.31
N THR A 82 -3.40 -1.81 0.65
CA THR A 82 -3.11 -2.31 1.98
C THR A 82 -2.88 -3.83 1.94
N ALA A 83 -3.69 -4.54 1.15
CA ALA A 83 -3.54 -5.99 1.04
C ALA A 83 -2.16 -6.38 0.55
N VAL A 84 -1.60 -5.65 -0.42
CA VAL A 84 -0.27 -5.98 -0.93
C VAL A 84 0.79 -5.62 0.11
N LEU A 85 0.65 -4.47 0.76
CA LEU A 85 1.63 -4.09 1.78
C LEU A 85 1.68 -5.11 2.90
N ARG A 86 0.51 -5.59 3.35
CA ARG A 86 0.49 -6.49 4.48
C ARG A 86 1.02 -7.85 4.06
N GLN A 87 0.77 -8.22 2.80
CA GLN A 87 1.43 -9.36 2.20
C GLN A 87 2.95 -9.20 2.24
N TRP A 88 3.43 -8.08 1.73
CA TRP A 88 4.86 -7.85 1.59
C TRP A 88 5.54 -7.69 2.92
N LEU A 89 4.95 -6.90 3.82
CA LEU A 89 5.56 -6.67 5.12
C LEU A 89 5.61 -7.95 5.94
N PRO A 90 6.61 -8.06 6.81
CA PRO A 90 6.66 -9.24 7.69
C PRO A 90 5.38 -9.36 8.49
N THR A 91 5.04 -10.59 8.82
CA THR A 91 3.86 -10.81 9.64
C THR A 91 3.99 -10.18 11.03
N GLY A 92 2.89 -9.62 11.51
CA GLY A 92 2.91 -8.89 12.75
C GLY A 92 3.42 -7.48 12.63
N THR A 93 3.76 -7.04 11.43
CA THR A 93 4.06 -5.65 11.21
C THR A 93 2.82 -4.82 11.47
N LEU A 94 2.94 -3.81 12.32
CA LEU A 94 1.83 -2.89 12.55
C LEU A 94 1.57 -2.05 11.31
N LEU A 95 0.38 -2.21 10.73
CA LEU A 95 -0.03 -1.49 9.54
C LEU A 95 -1.29 -0.68 9.87
N VAL A 96 -1.18 0.63 9.80
CA VAL A 96 -2.30 1.55 9.94
C VAL A 96 -2.57 2.19 8.60
N ASP A 97 -3.86 2.40 8.27
CA ASP A 97 -4.15 3.11 7.01
C ASP A 97 -5.30 4.09 7.19
N SER A 98 -5.45 4.91 6.15
CA SER A 98 -6.38 6.02 6.18
C SER A 98 -6.78 6.43 4.78
N ASP A 99 -7.94 7.08 4.73
CA ASP A 99 -8.50 7.65 3.51
C ASP A 99 -9.59 8.63 3.91
N LEU A 100 -9.94 9.50 2.98
CA LEU A 100 -11.00 10.47 3.23
C LEU A 100 -12.38 9.83 3.26
N ASN A 101 -12.60 8.81 2.42
CA ASN A 101 -13.86 8.09 2.36
C ASN A 101 -13.74 6.69 2.94
N ASP A 102 -14.88 6.20 3.45
CA ASP A 102 -14.96 4.90 4.09
C ASP A 102 -14.64 3.78 3.10
N PHE A 103 -13.97 2.76 3.64
CA PHE A 103 -13.55 1.55 2.91
C PHE A 103 -13.27 0.43 3.91
N VAL A 104 -13.27 -0.81 3.41
CA VAL A 104 -12.95 -1.98 4.23
C VAL A 104 -11.51 -2.40 3.99
N SER A 105 -10.80 -2.70 5.09
CA SER A 105 -9.35 -2.81 5.03
C SER A 105 -8.87 -4.02 5.80
N ASP A 106 -7.72 -4.56 5.41
CA ASP A 106 -7.01 -5.54 6.21
C ASP A 106 -5.98 -4.91 7.15
N ALA A 107 -5.89 -3.59 7.20
CA ALA A 107 -4.95 -2.97 8.13
C ALA A 107 -5.35 -3.26 9.58
N ASP A 108 -4.37 -3.21 10.47
CA ASP A 108 -4.65 -3.37 11.88
C ASP A 108 -5.56 -2.27 12.40
N SER A 109 -5.49 -1.09 11.82
CA SER A 109 -6.39 -0.03 12.25
C SER A 109 -6.51 0.96 11.12
N THR A 110 -7.74 1.47 10.92
CA THR A 110 -8.07 2.31 9.79
C THR A 110 -8.78 3.58 10.26
N LEU A 111 -8.30 4.75 9.76
CA LEU A 111 -8.84 6.03 10.15
C LEU A 111 -9.46 6.69 8.92
N ILE A 112 -10.71 7.12 9.04
CA ILE A 112 -11.44 7.75 7.93
C ILE A 112 -11.53 9.25 8.19
N GLY A 113 -11.08 10.04 7.24
CA GLY A 113 -11.16 11.50 7.30
C GLY A 113 -10.02 12.15 6.53
N ASP A 114 -10.08 13.48 6.43
CA ASP A 114 -8.99 14.21 5.80
C ASP A 114 -7.70 13.89 6.54
N CYS A 115 -6.64 13.65 5.79
CA CYS A 115 -5.39 13.25 6.43
C CYS A 115 -4.87 14.28 7.44
N ALA A 116 -5.29 15.55 7.31
CA ALA A 116 -4.79 16.56 8.22
C ALA A 116 -5.35 16.38 9.62
N THR A 117 -6.46 15.64 9.75
CA THR A 117 -7.05 15.30 11.04
C THR A 117 -6.32 14.18 11.76
N VAL A 118 -5.34 13.50 11.12
CA VAL A 118 -4.72 12.31 11.67
C VAL A 118 -3.51 12.69 12.54
N HIS A 119 -3.43 12.08 13.72
CA HIS A 119 -2.37 12.32 14.68
C HIS A 119 -1.93 10.99 15.27
N THR A 120 -0.65 10.92 15.63
CA THR A 120 -0.11 9.68 16.17
C THR A 120 0.94 10.05 17.23
N ALA A 121 0.93 9.32 18.33
CA ALA A 121 1.86 9.59 19.41
C ALA A 121 3.28 9.19 19.02
N ASN A 122 3.40 8.10 18.28
CA ASN A 122 4.63 7.41 17.96
C ASN A 122 5.15 7.75 16.57
N LYS A 123 6.40 7.38 16.31
CA LYS A 123 6.98 7.53 14.98
C LYS A 123 6.88 6.24 14.15
N TRP A 124 7.27 6.36 12.87
CA TRP A 124 7.02 5.29 11.92
C TRP A 124 8.30 4.95 11.17
N ASP A 125 8.40 3.70 10.77
CA ASP A 125 9.54 3.26 9.98
C ASP A 125 9.28 3.29 8.48
N LEU A 126 8.02 3.46 8.06
CA LEU A 126 7.72 3.51 6.64
C LEU A 126 6.39 4.20 6.43
N ILE A 127 6.40 5.22 5.57
CA ILE A 127 5.19 5.94 5.20
C ILE A 127 4.90 5.76 3.72
N ILE A 128 3.68 5.35 3.41
CA ILE A 128 3.19 5.15 2.06
C ILE A 128 2.00 6.07 1.81
N SER A 129 2.04 6.86 0.74
CA SER A 129 0.89 7.66 0.34
C SER A 129 0.52 7.44 -1.13
N ASP A 130 -0.73 7.06 -1.38
CA ASP A 130 -1.28 7.03 -2.73
C ASP A 130 -2.40 8.07 -2.85
N MET A 131 -2.30 9.13 -2.07
CA MET A 131 -3.32 10.19 -2.14
C MET A 131 -3.20 10.97 -3.43
N TYR A 132 -4.36 11.39 -3.93
CA TYR A 132 -4.48 12.11 -5.18
C TYR A 132 -5.84 12.78 -5.17
N ASP A 133 -5.84 14.12 -5.37
CA ASP A 133 -7.06 14.89 -5.36
C ASP A 133 -7.69 14.87 -6.75
N PRO A 134 -8.93 14.46 -6.89
CA PRO A 134 -9.55 14.43 -8.23
C PRO A 134 -9.66 15.79 -8.91
N LYS A 135 -9.77 16.86 -8.12
CA LYS A 135 -9.73 18.20 -8.69
C LYS A 135 -8.41 18.54 -9.39
N THR A 136 -7.31 17.81 -9.13
CA THR A 136 -6.08 18.07 -9.90
C THR A 136 -6.31 17.94 -11.39
N LYS A 137 -7.32 17.16 -11.80
CA LYS A 137 -7.65 17.04 -13.22
C LYS A 137 -8.13 18.34 -13.84
N ASN A 138 -8.67 19.29 -13.06
CA ASN A 138 -9.15 20.57 -13.60
C ASN A 138 -7.97 21.54 -13.69
N VAL A 139 -7.13 21.31 -14.67
CA VAL A 139 -5.96 22.13 -14.94
C VAL A 139 -6.49 23.40 -15.59
N THR A 140 -6.31 24.53 -14.90
CA THR A 140 -6.80 25.84 -15.31
C THR A 140 -5.70 26.90 -15.40
N LYS A 141 -4.42 26.52 -15.32
CA LYS A 141 -3.31 27.47 -15.18
C LYS A 141 -1.96 26.76 -15.14
N GLU A 142 -0.88 27.54 -14.97
CA GLU A 142 0.46 26.97 -14.79
C GLU A 142 0.47 25.89 -13.71
N ASN A 143 1.21 24.83 -13.98
CA ASN A 143 1.41 23.73 -13.05
C ASN A 143 2.30 24.17 -11.91
N ASP A 144 1.70 24.73 -10.86
CA ASP A 144 2.40 25.18 -9.67
C ASP A 144 2.45 24.09 -8.60
N SER A 145 3.36 24.29 -7.64
CA SER A 145 3.44 23.38 -6.53
C SER A 145 2.11 23.34 -5.79
N LYS A 146 1.66 22.15 -5.45
CA LYS A 146 0.38 21.99 -4.76
C LYS A 146 0.59 21.84 -3.25
N GLU A 147 -0.44 22.17 -2.52
CA GLU A 147 -0.35 22.07 -1.04
C GLU A 147 -1.28 21.02 -0.52
N GLY A 148 -2.24 21.34 0.31
CA GLY A 148 -3.21 20.35 0.77
C GLY A 148 -2.54 19.22 1.50
N PHE A 149 -2.83 17.99 1.04
CA PHE A 149 -2.27 16.81 1.69
C PHE A 149 -0.76 16.75 1.56
N PHE A 150 -0.15 17.41 0.56
CA PHE A 150 1.31 17.47 0.51
C PHE A 150 1.87 18.28 1.69
N THR A 151 1.19 19.34 2.07
CA THR A 151 1.67 20.09 3.23
C THR A 151 1.63 19.24 4.48
N TYR A 152 0.57 18.44 4.63
CA TYR A 152 0.48 17.56 5.79
C TYR A 152 1.61 16.55 5.75
N ILE A 153 1.79 15.92 4.60
CA ILE A 153 2.78 14.85 4.45
C ILE A 153 4.19 15.35 4.78
N CYS A 154 4.55 16.53 4.29
CA CYS A 154 5.87 17.06 4.60
C CYS A 154 6.06 17.20 6.11
N GLY A 155 5.06 17.79 6.78
CA GLY A 155 5.17 17.97 8.21
C GLY A 155 5.18 16.64 8.95
N PHE A 156 4.34 15.71 8.51
CA PHE A 156 4.27 14.41 9.15
C PHE A 156 5.62 13.71 9.10
N ILE A 157 6.29 13.76 7.95
CA ILE A 157 7.61 13.17 7.82
C ILE A 157 8.59 13.80 8.79
N GLN A 158 8.65 15.14 8.80
CA GLN A 158 9.63 15.84 9.64
C GLN A 158 9.36 15.60 11.11
N GLN A 159 8.10 15.31 11.48
CA GLN A 159 7.75 15.12 12.89
C GLN A 159 7.65 13.68 13.34
N LYS A 160 7.32 12.74 12.43
CA LYS A 160 6.95 11.41 12.90
C LYS A 160 7.55 10.28 12.07
N LEU A 161 8.53 10.55 11.21
CA LEU A 161 9.29 9.49 10.59
C LEU A 161 10.55 9.23 11.42
N ALA A 162 10.68 8.02 11.95
CA ALA A 162 11.92 7.63 12.62
C ALA A 162 13.12 7.93 11.73
N LEU A 163 14.25 8.26 12.35
CA LEU A 163 15.49 8.32 11.59
C LEU A 163 15.80 6.92 11.08
N GLY A 164 16.28 6.83 9.84
CA GLY A 164 16.47 5.56 9.19
C GLY A 164 15.27 5.05 8.45
N GLY A 165 14.09 5.67 8.68
CA GLY A 165 12.87 5.30 7.99
C GLY A 165 12.84 5.78 6.54
N SER A 166 11.88 5.25 5.82
CA SER A 166 11.74 5.49 4.40
C SER A 166 10.31 5.87 4.07
N VAL A 167 10.15 6.48 2.89
CA VAL A 167 8.86 6.91 2.38
C VAL A 167 8.70 6.58 0.90
N ALA A 168 7.43 6.43 0.47
CA ALA A 168 7.06 6.39 -0.94
C ALA A 168 5.75 7.14 -1.10
N ILE A 169 5.77 8.23 -1.86
CA ILE A 169 4.67 9.19 -1.93
C ILE A 169 4.29 9.37 -3.39
N LYS A 170 3.05 9.00 -3.75
CA LYS A 170 2.60 9.12 -5.14
C LYS A 170 2.52 10.58 -5.59
N ILE A 171 3.20 10.88 -6.71
CA ILE A 171 3.02 12.14 -7.42
C ILE A 171 2.55 11.84 -8.84
N THR A 172 2.11 12.91 -9.52
CA THR A 172 1.87 12.90 -10.95
C THR A 172 2.41 14.20 -11.53
N GLU A 173 2.18 14.42 -12.83
CA GLU A 173 2.64 15.66 -13.46
C GLU A 173 2.11 16.84 -12.67
N HIS A 174 0.81 16.88 -12.45
CA HIS A 174 0.21 18.01 -11.76
C HIS A 174 0.03 17.82 -10.27
N SER A 175 0.04 16.58 -9.75
CA SER A 175 -0.07 16.35 -8.30
C SER A 175 1.32 16.20 -7.69
N TRP A 176 1.88 17.33 -7.29
CA TRP A 176 3.27 17.37 -6.84
C TRP A 176 3.46 18.56 -5.89
N ASN A 177 4.62 18.57 -5.26
CA ASN A 177 4.93 19.54 -4.22
C ASN A 177 6.43 19.74 -4.13
N ALA A 178 6.83 21.01 -4.07
CA ALA A 178 8.24 21.39 -4.12
C ALA A 178 8.94 21.11 -2.80
N ASP A 179 8.24 21.29 -1.68
CA ASP A 179 8.92 20.95 -0.43
C ASP A 179 9.16 19.45 -0.32
N LEU A 180 8.26 18.64 -0.87
CA LEU A 180 8.47 17.20 -0.80
C LEU A 180 9.76 16.80 -1.51
N TYR A 181 9.99 17.38 -2.69
CA TYR A 181 11.27 17.18 -3.37
C TYR A 181 12.45 17.69 -2.55
N LYS A 182 12.32 18.91 -2.00
N LYS A 182 12.32 18.90 -1.99
CA LYS A 182 13.35 19.42 -1.10
CA LYS A 182 13.38 19.40 -1.11
C LYS A 182 13.64 18.43 0.03
C LYS A 182 13.65 18.41 0.02
N LEU A 183 12.60 17.87 0.63
CA LEU A 183 12.77 16.97 1.75
C LEU A 183 13.43 15.65 1.37
N MET A 184 13.30 15.22 0.10
CA MET A 184 14.07 14.08 -0.37
C MET A 184 15.57 14.27 -0.15
N GLY A 185 16.03 15.52 -0.17
CA GLY A 185 17.40 15.78 0.20
C GLY A 185 17.74 15.49 1.66
N HIS A 186 16.76 15.15 2.49
CA HIS A 186 16.99 14.85 3.89
C HIS A 186 17.06 13.35 4.15
N PHE A 187 17.11 12.57 3.08
CA PHE A 187 17.33 11.13 3.14
C PHE A 187 18.71 10.78 2.55
N ALA A 188 19.18 9.57 2.86
CA ALA A 188 20.47 9.13 2.34
C ALA A 188 20.44 9.01 0.84
N TRP A 189 19.29 8.68 0.28
CA TRP A 189 19.15 8.44 -1.14
C TRP A 189 17.67 8.58 -1.48
N TRP A 190 17.39 8.91 -2.74
CA TRP A 190 16.03 9.19 -3.16
C TRP A 190 15.92 8.92 -4.64
N THR A 191 14.69 8.64 -5.09
CA THR A 191 14.44 8.56 -6.51
C THR A 191 12.98 8.81 -6.80
N ALA A 192 12.63 8.77 -8.08
CA ALA A 192 11.25 8.76 -8.52
C ALA A 192 11.09 7.48 -9.31
N PHE A 193 10.13 6.63 -8.88
CA PHE A 193 10.00 5.28 -9.41
C PHE A 193 8.66 5.14 -10.13
N VAL A 194 8.73 4.81 -11.41
CA VAL A 194 7.58 4.56 -12.27
C VAL A 194 7.38 3.05 -12.38
N THR A 195 6.22 2.57 -11.99
CA THR A 195 5.91 1.16 -12.21
C THR A 195 5.68 0.87 -13.70
N ASN A 196 6.03 -0.36 -14.09
CA ASN A 196 5.93 -0.77 -15.50
C ASN A 196 4.48 -1.01 -15.91
N VAL A 197 3.60 -1.38 -14.97
CA VAL A 197 2.20 -1.56 -15.33
C VAL A 197 1.47 -0.25 -15.58
N ASN A 198 2.01 0.88 -15.11
CA ASN A 198 1.42 2.20 -15.33
C ASN A 198 2.42 3.13 -16.01
N ALA A 199 3.38 2.54 -16.75
CA ALA A 199 4.36 3.29 -17.51
C ALA A 199 3.76 4.37 -18.40
N SER A 200 2.48 4.25 -18.74
CA SER A 200 1.80 5.19 -19.62
C SER A 200 1.29 6.41 -18.87
N SER A 201 1.42 6.46 -17.56
CA SER A 201 0.99 7.56 -16.70
C SER A 201 2.20 8.35 -16.25
N SER A 202 1.98 9.64 -15.92
CA SER A 202 3.02 10.48 -15.33
C SER A 202 3.20 10.21 -13.85
N GLU A 203 2.38 9.34 -13.30
CA GLU A 203 2.54 8.89 -11.93
C GLU A 203 3.96 8.38 -11.69
N ALA A 204 4.48 8.70 -10.51
CA ALA A 204 5.68 8.10 -9.96
C ALA A 204 5.52 8.04 -8.44
N PHE A 205 6.28 7.14 -7.82
CA PHE A 205 6.44 7.17 -6.37
C PHE A 205 7.76 7.85 -6.03
N LEU A 206 7.65 8.92 -5.28
CA LEU A 206 8.82 9.62 -4.79
C LEU A 206 9.33 8.93 -3.53
N ILE A 207 10.49 8.28 -3.64
CA ILE A 207 10.98 7.39 -2.60
C ILE A 207 12.15 8.06 -1.91
N GLY A 208 12.02 8.21 -0.60
CA GLY A 208 13.13 8.67 0.21
C GLY A 208 13.61 7.50 1.04
N CYS A 209 14.88 7.15 0.93
CA CYS A 209 15.45 5.94 1.54
C CYS A 209 16.36 6.32 2.72
N ASN A 210 15.96 5.91 3.93
CA ASN A 210 16.69 6.15 5.17
C ASN A 210 16.78 7.63 5.58
N TYR A 211 15.83 8.08 6.41
CA TYR A 211 15.73 9.48 6.80
C TYR A 211 16.83 9.89 7.78
N LEU A 212 17.39 11.07 7.56
CA LEU A 212 18.47 11.56 8.37
C LEU A 212 18.11 12.77 9.22
N GLY A 213 16.91 13.32 9.08
CA GLY A 213 16.47 14.43 9.89
C GLY A 213 17.12 15.78 9.61
N LYS A 214 18.01 15.84 8.63
CA LYS A 214 18.69 17.05 8.20
C LYS A 214 19.09 16.86 6.74
N PRO A 215 19.40 17.94 6.03
CA PRO A 215 19.69 17.82 4.59
C PRO A 215 21.10 17.31 4.31
N ARG A 216 21.17 16.18 3.62
CA ARG A 216 22.39 15.76 2.93
C ARG A 216 22.71 16.71 1.79
N GLU A 217 21.69 17.36 1.23
CA GLU A 217 21.73 18.01 -0.08
C GLU A 217 20.59 19.01 -0.14
N GLN A 218 20.86 20.17 -0.73
CA GLN A 218 19.80 21.16 -0.93
C GLN A 218 19.23 20.96 -2.34
N ILE A 219 17.92 20.77 -2.39
CA ILE A 219 17.22 20.44 -3.63
C ILE A 219 16.20 21.53 -3.89
N ASP A 220 16.25 22.13 -5.09
CA ASP A 220 15.21 23.06 -5.52
C ASP A 220 14.08 22.20 -6.09
N GLY A 221 12.95 22.19 -5.38
CA GLY A 221 11.88 21.29 -5.73
C GLY A 221 11.21 21.66 -7.03
N TYR A 222 11.17 22.95 -7.35
CA TYR A 222 10.61 23.37 -8.65
C TYR A 222 11.50 22.85 -9.78
N VAL A 223 12.81 22.97 -9.63
CA VAL A 223 13.71 22.47 -10.65
C VAL A 223 13.61 20.96 -10.76
N MET A 224 13.47 20.26 -9.62
CA MET A 224 13.59 18.81 -9.68
C MET A 224 12.37 18.17 -10.33
N HIS A 225 11.16 18.71 -10.08
CA HIS A 225 9.98 18.20 -10.76
C HIS A 225 10.10 18.40 -12.26
N ALA A 226 10.66 19.55 -12.67
CA ALA A 226 10.96 19.81 -14.06
C ALA A 226 11.93 18.78 -14.63
N ASN A 227 12.97 18.44 -13.87
CA ASN A 227 13.87 17.39 -14.30
C ASN A 227 13.12 16.10 -14.50
N TYR A 228 12.16 15.83 -13.60
CA TYR A 228 11.42 14.57 -13.63
C TYR A 228 10.53 14.50 -14.85
N ILE A 229 9.82 15.59 -15.17
CA ILE A 229 9.00 15.65 -16.37
C ILE A 229 9.88 15.55 -17.63
N PHE A 230 11.05 16.16 -17.59
CA PHE A 230 11.98 16.05 -18.70
C PHE A 230 12.35 14.59 -18.94
N TRP A 231 12.65 13.87 -17.85
CA TRP A 231 13.00 12.46 -17.97
C TRP A 231 11.84 11.70 -18.60
N ARG A 232 10.66 11.81 -18.02
CA ARG A 232 9.48 11.12 -18.53
C ARG A 232 9.18 11.50 -19.98
N ASN A 233 9.41 12.76 -20.34
CA ASN A 233 9.08 13.22 -21.67
C ASN A 233 10.02 12.70 -22.73
N THR A 234 11.25 12.35 -22.36
CA THR A 234 12.26 11.97 -23.33
C THR A 234 12.68 10.52 -23.19
N ASN A 235 12.03 9.77 -22.30
CA ASN A 235 12.28 8.34 -22.12
C ASN A 235 10.96 7.59 -22.02
N PRO A 236 10.36 7.27 -23.16
CA PRO A 236 9.13 6.48 -23.12
C PRO A 236 9.42 5.11 -22.56
N ILE A 237 8.50 4.61 -21.74
CA ILE A 237 8.64 3.32 -21.07
C ILE A 237 7.60 2.38 -21.64
N GLN A 238 8.04 1.18 -22.00
CA GLN A 238 7.16 0.14 -22.48
C GLN A 238 6.32 -0.37 -21.33
N LEU A 239 5.00 -0.28 -21.46
CA LEU A 239 4.15 -1.01 -20.55
C LEU A 239 4.62 -2.45 -20.45
N SER A 240 4.65 -2.96 -19.22
CA SER A 240 5.07 -4.34 -18.98
C SER A 240 4.50 -4.86 -17.68
N SER A 241 3.99 -6.10 -17.73
N SER A 241 3.98 -6.10 -17.71
CA SER A 241 3.54 -6.82 -16.55
CA SER A 241 3.58 -6.79 -16.50
C SER A 241 4.46 -7.99 -16.20
C SER A 241 4.46 -8.00 -16.20
N TYR A 242 5.63 -8.09 -16.83
CA TYR A 242 6.44 -9.29 -16.70
C TYR A 242 6.75 -9.61 -15.24
N SER A 243 7.20 -8.63 -14.46
CA SER A 243 7.63 -8.91 -13.09
C SER A 243 6.53 -9.49 -12.20
N LEU A 244 5.26 -9.30 -12.57
CA LEU A 244 4.18 -9.80 -11.71
C LEU A 244 4.18 -11.31 -11.63
N PHE A 245 4.83 -11.96 -12.59
CA PHE A 245 4.82 -13.40 -12.70
C PHE A 245 5.89 -14.08 -11.89
N ASP A 246 6.79 -13.34 -11.24
CA ASP A 246 7.71 -13.98 -10.33
C ASP A 246 7.54 -13.33 -8.97
N MET A 247 6.86 -14.04 -8.09
CA MET A 247 6.64 -13.62 -6.72
C MET A 247 7.45 -14.43 -5.72
N SER A 248 8.41 -15.21 -6.21
CA SER A 248 9.19 -16.07 -5.30
C SER A 248 9.95 -15.25 -4.24
N LYS A 249 10.50 -14.07 -4.60
CA LYS A 249 11.31 -13.28 -3.68
C LYS A 249 10.58 -12.03 -3.18
N PHE A 250 9.26 -12.06 -3.19
CA PHE A 250 8.50 -10.83 -2.95
C PHE A 250 8.61 -10.38 -1.51
N PRO A 251 8.47 -11.25 -0.53
CA PRO A 251 8.46 -10.82 0.87
C PRO A 251 9.69 -10.01 1.26
N LEU A 252 9.42 -8.99 2.03
CA LEU A 252 10.48 -8.18 2.58
C LEU A 252 11.25 -8.99 3.62
N LYS A 253 12.57 -9.09 3.46
N LYS A 253 12.57 -9.07 3.46
CA LYS A 253 13.38 -9.81 4.43
CA LYS A 253 13.41 -9.76 4.42
C LYS A 253 13.37 -9.07 5.75
C LYS A 253 13.36 -9.04 5.77
N LEU A 254 12.93 -9.75 6.81
CA LEU A 254 12.96 -9.21 8.18
C LEU A 254 14.42 -9.06 8.59
N ARG A 255 14.95 -7.83 8.50
N ARG A 255 14.97 -7.84 8.50
CA ARG A 255 16.36 -7.59 8.82
CA ARG A 255 16.39 -7.65 8.84
C ARG A 255 16.61 -7.56 10.34
C ARG A 255 16.62 -7.59 10.36
N GLY A 256 15.56 -7.52 11.15
CA GLY A 256 15.73 -7.32 12.58
C GLY A 256 16.49 -6.06 12.90
N THR A 257 16.35 -5.03 12.06
CA THR A 257 17.10 -3.79 12.23
C THR A 257 16.95 -3.30 13.66
N ALA A 258 18.04 -2.78 14.22
CA ALA A 258 18.06 -2.30 15.59
C ALA A 258 17.38 -0.95 15.78
N VAL A 259 16.74 -0.79 16.94
CA VAL A 259 16.02 0.45 17.31
C VAL A 259 16.58 1.02 18.60
N MET A 260 17.00 2.27 18.56
CA MET A 260 17.48 2.96 19.72
C MET A 260 16.72 4.26 19.88
N SER A 261 16.27 4.54 21.09
CA SER A 261 16.01 5.93 21.40
C SER A 261 17.37 6.62 21.50
N LEU A 262 17.39 7.91 21.22
CA LEU A 262 18.63 8.69 21.15
C LEU A 262 18.22 10.15 21.10
N LYS A 263 19.00 10.99 21.75
CA LYS A 263 18.77 12.43 21.77
C LYS A 263 19.57 13.10 20.65
N GLU A 264 19.21 14.34 20.32
CA GLU A 264 19.86 15.00 19.18
C GLU A 264 21.37 15.12 19.40
N GLY A 265 21.80 15.39 20.62
CA GLY A 265 23.22 15.41 20.90
C GLY A 265 23.93 14.12 20.52
N GLN A 266 23.25 12.99 20.62
CA GLN A 266 23.93 11.71 20.44
C GLN A 266 24.06 11.26 18.98
N ILE A 267 23.46 11.98 18.01
CA ILE A 267 23.53 11.57 16.62
C ILE A 267 24.84 12.03 15.99
N ASN A 268 25.88 11.20 16.05
CA ASN A 268 27.17 11.51 15.48
C ASN A 268 27.31 10.86 14.11
N ASP A 269 28.48 11.05 13.47
CA ASP A 269 28.65 10.61 12.09
C ASP A 269 28.71 9.10 11.94
N MET A 270 28.96 8.38 13.03
CA MET A 270 28.87 6.93 12.99
C MET A 270 27.42 6.49 13.01
N ILE A 271 26.61 7.10 13.89
CA ILE A 271 25.17 6.86 13.88
C ILE A 271 24.59 7.21 12.51
N LEU A 272 24.94 8.39 12.01
CA LEU A 272 24.47 8.84 10.71
C LEU A 272 24.89 7.87 9.61
N SER A 273 26.03 7.19 9.77
CA SER A 273 26.44 6.20 8.78
C SER A 273 25.51 5.00 8.81
N LEU A 274 25.11 4.55 9.99
CA LEU A 274 24.29 3.36 10.11
C LEU A 274 22.89 3.61 9.61
N LEU A 275 22.39 4.82 9.80
CA LEU A 275 21.12 5.22 9.21
C LEU A 275 21.19 5.13 7.70
N SER A 276 22.29 5.65 7.13
CA SER A 276 22.46 5.69 5.69
C SER A 276 22.48 4.31 5.06
N LYS A 277 22.78 3.28 5.84
CA LYS A 277 22.99 1.95 5.30
C LYS A 277 21.81 1.04 5.55
N GLY A 278 20.75 1.56 6.18
CA GLY A 278 19.60 0.74 6.48
C GLY A 278 19.79 -0.15 7.69
N ARG A 279 20.79 0.16 8.53
CA ARG A 279 21.20 -0.70 9.62
C ARG A 279 20.73 -0.20 11.00
N LEU A 280 19.97 0.88 11.05
CA LEU A 280 19.56 1.47 12.32
C LEU A 280 18.28 2.29 12.19
N ILE A 281 17.42 2.16 13.19
CA ILE A 281 16.24 3.02 13.35
C ILE A 281 16.32 3.73 14.70
N ILE A 282 15.90 5.00 14.75
CA ILE A 282 15.94 5.82 15.96
C ILE A 282 14.57 6.43 16.21
N ARG A 283 14.00 6.12 17.38
CA ARG A 283 12.68 6.55 17.80
C ARG A 283 12.43 5.88 19.14
N GLU A 284 11.44 6.34 19.89
CA GLU A 284 10.87 5.55 20.97
C GLU A 284 10.41 4.20 20.45
N ASN A 285 10.34 3.23 21.36
CA ASN A 285 9.80 1.92 21.03
C ASN A 285 8.58 1.60 21.90
N ASN A 286 7.76 2.63 22.10
CA ASN A 286 6.58 2.52 22.95
C ASN A 286 5.43 1.95 22.14
N ARG A 287 4.22 2.08 22.68
CA ARG A 287 3.06 1.51 22.04
C ARG A 287 2.57 2.49 20.99
N VAL A 288 1.87 1.93 20.00
CA VAL A 288 1.39 2.69 18.86
C VAL A 288 -0.03 3.18 19.08
N VAL A 289 -0.19 4.51 19.05
CA VAL A 289 -1.45 5.16 19.37
C VAL A 289 -1.74 6.23 18.32
N ILE A 290 -2.95 6.18 17.78
CA ILE A 290 -3.36 7.07 16.71
C ILE A 290 -4.71 7.66 17.03
N SER A 291 -5.03 8.78 16.38
CA SER A 291 -6.33 9.40 16.54
C SER A 291 -6.63 10.24 15.31
N SER A 292 -7.91 10.50 15.12
CA SER A 292 -8.41 11.39 14.09
C SER A 292 -9.20 12.54 14.73
N ASP A 293 -8.88 13.76 14.31
CA ASP A 293 -9.61 14.93 14.81
C ASP A 293 -11.00 14.98 14.17
N VAL A 294 -12.03 15.18 15.01
CA VAL A 294 -13.43 15.17 14.58
C VAL A 294 -14.08 16.52 14.89
N LEU A 295 -14.61 17.15 13.87
CA LEU A 295 -15.27 18.43 14.00
C LEU A 295 -16.72 18.15 14.36
N VAL A 296 -17.21 18.84 15.38
CA VAL A 296 -18.53 18.61 15.92
C VAL A 296 -19.45 19.76 15.51
N ASN A 297 -20.62 19.41 14.98
CA ASN A 297 -21.61 20.42 14.62
C ASN A 297 -23.01 19.92 14.90
N ASN A 298 -23.79 20.77 15.55
CA ASN A 298 -25.22 20.58 15.75
C ASN A 298 -25.93 21.34 14.63
N GLU A 299 -26.48 20.60 13.67
CA GLU A 299 -27.14 21.18 12.50
C GLU A 299 -28.53 21.75 12.78
N ASN A 300 -29.12 21.44 13.92
CA ASN A 300 -30.47 21.91 14.23
C ASN A 300 -30.44 23.41 14.55
N LEU A 301 -31.56 24.08 14.26
CA LEU A 301 -31.62 25.55 14.12
C LEU A 301 -30.54 26.12 13.17
N CYS B 18 -37.46 -9.34 22.71
CA CYS B 18 -37.30 -9.06 21.27
C CYS B 18 -36.23 -9.93 20.56
N ALA B 19 -36.70 -10.78 19.65
CA ALA B 19 -35.84 -11.74 19.00
C ALA B 19 -35.22 -11.23 17.69
N PHE B 20 -35.39 -9.96 17.34
CA PHE B 20 -35.15 -9.58 15.95
C PHE B 20 -33.68 -9.28 15.64
N ALA B 21 -33.16 -9.97 14.63
CA ALA B 21 -31.87 -9.65 14.04
C ALA B 21 -31.93 -9.91 12.54
N VAL B 22 -31.17 -9.10 11.80
CA VAL B 22 -31.03 -9.26 10.36
C VAL B 22 -30.14 -10.47 10.08
N ASP B 23 -30.60 -11.35 9.17
CA ASP B 23 -29.90 -12.58 8.84
C ASP B 23 -29.25 -12.42 7.47
N ALA B 24 -28.12 -11.73 7.44
CA ALA B 24 -27.50 -11.40 6.17
C ALA B 24 -26.98 -12.64 5.45
N ALA B 25 -26.51 -13.64 6.19
CA ALA B 25 -26.06 -14.87 5.55
C ALA B 25 -27.16 -15.44 4.68
N LYS B 26 -28.34 -15.65 5.28
CA LYS B 26 -29.49 -16.14 4.53
C LYS B 26 -29.79 -15.24 3.33
N ALA B 27 -29.75 -13.93 3.54
CA ALA B 27 -30.10 -13.00 2.47
C ALA B 27 -29.23 -13.22 1.25
N TYR B 28 -27.92 -13.32 1.43
CA TYR B 28 -27.03 -13.51 0.29
C TYR B 28 -27.22 -14.90 -0.31
N LYS B 29 -27.28 -15.94 0.53
CA LYS B 29 -27.48 -17.29 0.01
C LYS B 29 -28.74 -17.34 -0.86
N ASP B 30 -29.81 -16.67 -0.44
CA ASP B 30 -31.03 -16.68 -1.25
C ASP B 30 -30.85 -15.84 -2.51
N TYR B 31 -30.20 -14.67 -2.40
CA TYR B 31 -29.94 -13.84 -3.58
C TYR B 31 -29.14 -14.61 -4.63
N LEU B 32 -28.09 -15.32 -4.20
CA LEU B 32 -27.35 -16.16 -5.13
C LEU B 32 -28.28 -17.19 -5.76
N ALA B 33 -29.02 -17.93 -4.92
CA ALA B 33 -29.94 -18.95 -5.40
C ALA B 33 -30.92 -18.38 -6.43
N SER B 34 -31.39 -17.15 -6.21
CA SER B 34 -32.21 -16.44 -7.17
C SER B 34 -31.48 -16.05 -8.44
N GLY B 35 -30.20 -16.38 -8.58
CA GLY B 35 -29.44 -15.90 -9.72
C GLY B 35 -28.91 -14.48 -9.62
N GLY B 36 -28.57 -14.03 -8.41
CA GLY B 36 -27.98 -12.70 -8.27
C GLY B 36 -26.48 -12.71 -8.55
N GLN B 37 -26.01 -11.60 -9.11
N GLN B 37 -26.01 -11.59 -9.05
CA GLN B 37 -24.59 -11.46 -9.43
CA GLN B 37 -24.61 -11.46 -9.42
C GLN B 37 -23.78 -11.49 -8.13
C GLN B 37 -23.74 -11.44 -8.18
N PRO B 38 -22.79 -12.38 -8.01
CA PRO B 38 -22.02 -12.43 -6.77
C PRO B 38 -21.26 -11.14 -6.47
N ILE B 39 -21.04 -10.92 -5.17
CA ILE B 39 -20.28 -9.76 -4.74
C ILE B 39 -18.95 -9.75 -5.45
N THR B 40 -18.57 -8.57 -5.86
CA THR B 40 -17.42 -8.36 -6.71
C THR B 40 -16.38 -7.52 -5.96
N ASN B 41 -15.27 -7.28 -6.65
CA ASN B 41 -14.16 -6.47 -6.15
C ASN B 41 -13.48 -7.08 -4.93
N CYS B 42 -13.66 -8.37 -4.76
CA CYS B 42 -12.79 -9.13 -3.89
C CYS B 42 -11.35 -9.04 -4.39
N VAL B 43 -10.42 -8.84 -3.47
CA VAL B 43 -9.08 -8.38 -3.79
C VAL B 43 -8.16 -9.60 -3.89
N LYS B 44 -7.83 -9.99 -5.11
CA LYS B 44 -7.01 -11.16 -5.37
C LYS B 44 -5.54 -10.80 -5.40
N MET B 45 -4.72 -11.66 -4.81
CA MET B 45 -3.31 -11.37 -4.66
C MET B 45 -2.49 -12.13 -5.69
N LEU B 46 -1.35 -11.54 -6.04
CA LEU B 46 -0.31 -12.25 -6.78
C LEU B 46 0.49 -13.07 -5.78
N CYS B 47 0.71 -14.35 -6.13
CA CYS B 47 1.46 -15.25 -5.27
C CYS B 47 2.06 -16.33 -6.14
N THR B 48 2.87 -17.19 -5.52
CA THR B 48 3.49 -18.30 -6.25
C THR B 48 2.55 -19.45 -6.50
N HIS B 49 1.47 -19.57 -5.71
CA HIS B 49 0.58 -20.73 -5.81
C HIS B 49 1.33 -22.03 -5.48
N THR B 50 2.31 -21.95 -4.58
CA THR B 50 3.04 -23.09 -4.05
C THR B 50 2.88 -23.17 -2.55
N GLY B 51 1.71 -22.78 -2.06
CA GLY B 51 1.49 -22.70 -0.63
C GLY B 51 0.85 -23.94 -0.07
N THR B 52 0.50 -23.84 1.21
CA THR B 52 -0.07 -24.95 1.98
C THR B 52 -1.46 -25.36 1.53
N GLY B 53 -2.20 -24.47 0.88
CA GLY B 53 -3.60 -24.76 0.64
C GLY B 53 -4.50 -24.59 1.85
N GLN B 54 -3.98 -24.09 2.97
CA GLN B 54 -4.84 -23.89 4.13
C GLN B 54 -5.84 -22.76 3.88
N ALA B 55 -6.95 -22.82 4.60
CA ALA B 55 -8.10 -21.99 4.23
C ALA B 55 -7.82 -20.52 4.50
N ILE B 56 -7.28 -20.21 5.68
CA ILE B 56 -7.15 -18.82 6.10
C ILE B 56 -5.78 -18.66 6.72
N THR B 57 -4.97 -17.76 6.17
CA THR B 57 -3.56 -17.68 6.53
C THR B 57 -3.14 -16.23 6.65
N VAL B 58 -1.97 -16.03 7.26
CA VAL B 58 -1.47 -14.67 7.49
C VAL B 58 -0.76 -14.09 6.28
N THR B 59 -0.48 -14.89 5.27
CA THR B 59 0.04 -14.45 3.99
C THR B 59 -0.54 -15.41 2.95
N PRO B 60 -0.56 -15.01 1.67
CA PRO B 60 -1.17 -15.87 0.64
C PRO B 60 -0.54 -17.26 0.59
N GLU B 61 -1.41 -18.27 0.60
CA GLU B 61 -0.96 -19.66 0.62
C GLU B 61 -1.62 -20.50 -0.46
N ALA B 62 -2.15 -19.88 -1.51
CA ALA B 62 -2.76 -20.65 -2.58
C ALA B 62 -1.81 -21.75 -3.03
N ASN B 63 -2.39 -22.89 -3.43
CA ASN B 63 -1.68 -23.90 -4.20
C ASN B 63 -2.11 -23.76 -5.67
N MET B 64 -1.84 -24.77 -6.50
CA MET B 64 -2.13 -24.65 -7.94
C MET B 64 -3.63 -24.74 -8.20
N ASP B 65 -4.43 -25.12 -7.20
CA ASP B 65 -5.87 -25.23 -7.33
C ASP B 65 -6.62 -24.06 -6.69
N GLN B 66 -5.93 -22.98 -6.35
CA GLN B 66 -6.50 -21.97 -5.49
C GLN B 66 -6.11 -20.58 -5.93
N GLU B 67 -6.95 -19.61 -5.57
CA GLU B 67 -6.55 -18.21 -5.59
C GLU B 67 -6.55 -17.69 -4.16
N SER B 68 -5.62 -16.78 -3.87
CA SER B 68 -5.51 -16.10 -2.59
C SER B 68 -6.09 -14.70 -2.67
N PHE B 69 -6.80 -14.29 -1.62
CA PHE B 69 -7.48 -13.01 -1.59
C PHE B 69 -7.24 -12.30 -0.26
N GLY B 70 -7.36 -10.97 -0.26
CA GLY B 70 -7.41 -10.23 0.99
C GLY B 70 -8.67 -10.59 1.78
N GLY B 71 -8.49 -10.91 3.05
CA GLY B 71 -9.59 -11.45 3.82
C GLY B 71 -10.75 -10.49 3.92
N ALA B 72 -10.47 -9.27 4.37
CA ALA B 72 -11.54 -8.30 4.59
C ALA B 72 -12.51 -8.24 3.40
N SER B 73 -11.99 -8.15 2.18
CA SER B 73 -12.78 -8.02 0.97
C SER B 73 -13.61 -9.26 0.65
N CYS B 74 -13.32 -10.36 1.30
CA CYS B 74 -14.05 -11.58 1.04
C CYS B 74 -15.05 -11.89 2.14
N CYS B 75 -15.16 -11.02 3.14
CA CYS B 75 -16.01 -11.25 4.30
C CYS B 75 -17.34 -10.53 4.13
N LEU B 76 -18.44 -11.27 4.29
CA LEU B 76 -19.74 -10.67 4.01
C LEU B 76 -20.10 -9.56 4.98
N TYR B 77 -19.67 -9.68 6.23
CA TYR B 77 -20.00 -8.66 7.22
C TYR B 77 -19.17 -7.41 6.99
N CYS B 78 -17.85 -7.56 6.86
CA CYS B 78 -16.99 -6.44 6.50
C CYS B 78 -17.56 -5.70 5.29
N ARG B 79 -17.80 -6.43 4.20
CA ARG B 79 -18.21 -5.77 2.96
C ARG B 79 -19.59 -5.12 3.04
N CYS B 80 -20.46 -5.59 3.91
CA CYS B 80 -21.82 -5.08 3.97
C CYS B 80 -22.01 -4.04 5.04
N HIS B 81 -20.99 -3.78 5.87
CA HIS B 81 -21.02 -2.73 6.87
C HIS B 81 -21.99 -3.08 7.99
N ILE B 82 -21.90 -4.33 8.42
CA ILE B 82 -22.80 -4.92 9.39
C ILE B 82 -21.98 -5.69 10.42
N ASP B 83 -22.63 -5.99 11.54
CA ASP B 83 -21.89 -6.49 12.69
C ASP B 83 -21.55 -7.97 12.50
N HIS B 84 -20.46 -8.33 13.04
CA HIS B 84 -20.03 -9.70 12.86
C HIS B 84 -20.77 -10.62 13.81
N PRO B 85 -21.19 -11.78 13.32
CA PRO B 85 -21.94 -12.74 14.16
C PRO B 85 -20.96 -13.44 15.12
N ASN B 86 -20.67 -12.74 16.18
CA ASN B 86 -19.63 -13.11 17.12
C ASN B 86 -19.88 -12.19 18.31
N PRO B 87 -19.95 -12.73 19.52
CA PRO B 87 -20.20 -11.87 20.68
C PRO B 87 -19.25 -10.68 20.76
N LYS B 88 -17.97 -10.89 20.50
CA LYS B 88 -16.97 -9.82 20.56
C LYS B 88 -16.82 -9.09 19.23
N GLY B 89 -17.52 -9.54 18.19
CA GLY B 89 -17.48 -8.91 16.89
C GLY B 89 -16.25 -9.22 16.04
N PHE B 90 -15.28 -9.95 16.59
CA PHE B 90 -14.05 -10.32 15.88
C PHE B 90 -14.36 -10.92 14.51
N CYS B 91 -13.48 -10.68 13.54
CA CYS B 91 -13.63 -11.18 12.17
C CYS B 91 -12.55 -12.21 11.84
N ASP B 92 -12.97 -13.33 11.25
CA ASP B 92 -12.04 -14.39 10.95
C ASP B 92 -11.09 -14.05 9.81
N LEU B 93 -11.53 -13.21 8.89
CA LEU B 93 -10.85 -12.98 7.61
C LEU B 93 -9.99 -11.71 7.59
N LYS B 94 -10.48 -10.62 8.16
CA LYS B 94 -9.79 -9.35 8.04
C LYS B 94 -8.39 -9.47 8.63
N GLY B 95 -7.45 -8.83 7.97
CA GLY B 95 -6.07 -8.90 8.37
C GLY B 95 -5.39 -10.16 7.92
N LYS B 96 -6.09 -11.00 7.19
CA LYS B 96 -5.59 -12.28 6.74
C LYS B 96 -5.86 -12.46 5.25
N TYR B 97 -5.47 -13.61 4.75
CA TYR B 97 -5.63 -14.03 3.36
C TYR B 97 -6.41 -15.32 3.36
N VAL B 98 -7.40 -15.41 2.47
CA VAL B 98 -8.21 -16.60 2.37
C VAL B 98 -7.99 -17.22 1.01
N GLN B 99 -7.73 -18.52 1.00
CA GLN B 99 -7.51 -19.27 -0.22
C GLN B 99 -8.85 -19.81 -0.68
N ILE B 100 -9.17 -19.63 -1.96
CA ILE B 100 -10.45 -19.98 -2.52
C ILE B 100 -10.24 -20.96 -3.66
N PRO B 101 -10.95 -22.07 -3.70
CA PRO B 101 -10.86 -22.96 -4.86
C PRO B 101 -11.02 -22.15 -6.13
N THR B 102 -10.09 -22.36 -7.04
CA THR B 102 -10.13 -21.63 -8.29
C THR B 102 -11.48 -21.75 -8.98
N THR B 103 -12.21 -22.85 -8.72
CA THR B 103 -13.49 -23.06 -9.36
C THR B 103 -14.62 -22.29 -8.70
N CYS B 104 -14.41 -21.77 -7.49
CA CYS B 104 -15.37 -20.90 -6.85
C CYS B 104 -14.90 -19.46 -6.72
N ALA B 105 -13.77 -19.10 -7.33
CA ALA B 105 -13.26 -17.76 -7.16
C ALA B 105 -14.10 -16.72 -7.86
N ASN B 106 -15.23 -17.06 -8.46
CA ASN B 106 -16.19 -16.06 -8.92
C ASN B 106 -17.02 -15.49 -7.79
N ASP B 107 -17.10 -16.17 -6.66
CA ASP B 107 -17.92 -15.75 -5.53
C ASP B 107 -17.19 -16.07 -4.23
N PRO B 108 -16.04 -15.43 -4.02
CA PRO B 108 -15.30 -15.67 -2.78
C PRO B 108 -16.12 -15.39 -1.53
N VAL B 109 -17.00 -14.40 -1.57
CA VAL B 109 -17.80 -14.10 -0.40
C VAL B 109 -18.76 -15.26 -0.11
N GLY B 110 -19.48 -15.69 -1.14
CA GLY B 110 -20.30 -16.88 -0.99
C GLY B 110 -19.52 -18.06 -0.47
N PHE B 111 -18.34 -18.30 -1.05
CA PHE B 111 -17.61 -19.48 -0.64
C PHE B 111 -17.30 -19.46 0.85
N THR B 112 -16.73 -18.36 1.36
CA THR B 112 -16.31 -18.33 2.76
C THR B 112 -17.49 -18.47 3.72
N LEU B 113 -18.66 -17.93 3.30
CA LEU B 113 -19.87 -18.01 4.08
C LEU B 113 -20.43 -19.42 4.13
N LYS B 114 -20.61 -20.03 2.95
CA LYS B 114 -21.15 -21.38 2.81
C LYS B 114 -20.24 -22.50 3.32
N ASN B 115 -18.96 -22.26 3.58
CA ASN B 115 -18.05 -23.37 3.87
C ASN B 115 -17.39 -23.21 5.24
N THR B 116 -16.69 -24.26 5.65
N THR B 116 -16.64 -24.24 5.61
CA THR B 116 -16.12 -24.32 6.99
CA THR B 116 -16.12 -24.41 6.95
C THR B 116 -14.70 -24.84 6.94
C THR B 116 -14.68 -24.84 6.91
N VAL B 117 -13.92 -24.44 7.92
CA VAL B 117 -12.48 -24.73 8.01
C VAL B 117 -12.28 -25.77 9.10
N CYS B 118 -11.66 -26.89 8.73
CA CYS B 118 -11.38 -27.94 9.70
C CYS B 118 -10.44 -27.45 10.80
N THR B 119 -10.93 -27.49 12.04
CA THR B 119 -10.17 -27.10 13.22
C THR B 119 -8.88 -27.89 13.42
N VAL B 120 -8.68 -28.98 12.68
CA VAL B 120 -7.55 -29.86 12.91
C VAL B 120 -6.44 -29.54 11.93
N CYS B 121 -6.73 -29.62 10.62
CA CYS B 121 -5.70 -29.42 9.62
C CYS B 121 -5.71 -28.03 9.01
N GLY B 122 -6.78 -27.28 9.16
CA GLY B 122 -6.79 -25.93 8.65
C GLY B 122 -7.14 -25.79 7.19
N MET B 123 -7.61 -26.86 6.57
CA MET B 123 -8.03 -26.81 5.17
C MET B 123 -9.55 -26.71 5.13
N TRP B 124 -10.08 -26.32 3.99
CA TRP B 124 -11.52 -26.17 3.91
C TRP B 124 -12.15 -27.55 4.00
N LYS B 125 -13.08 -27.70 4.93
CA LYS B 125 -13.84 -28.95 5.03
C LYS B 125 -14.46 -29.17 3.65
N GLY B 126 -13.99 -30.20 2.95
CA GLY B 126 -14.50 -30.53 1.63
C GLY B 126 -13.68 -30.00 0.48
N TYR B 127 -12.70 -29.15 0.73
CA TYR B 127 -11.90 -28.56 -0.34
C TYR B 127 -10.43 -28.55 0.07
N GLY B 128 -9.97 -29.69 0.62
CA GLY B 128 -8.60 -29.87 1.07
C GLY B 128 -8.50 -30.75 2.32
N CYS B 129 -9.55 -30.77 3.15
CA CYS B 129 -9.50 -31.54 4.39
C CYS B 129 -9.56 -33.02 4.07
N SER B 130 -8.53 -33.77 4.50
CA SER B 130 -8.45 -35.21 4.26
C SER B 130 -8.41 -35.99 5.56
N CYS B 131 -8.93 -35.43 6.63
CA CYS B 131 -8.92 -36.01 7.95
C CYS B 131 -9.89 -37.14 8.09
N ASP B 132 -10.52 -37.58 7.02
CA ASP B 132 -11.47 -38.70 7.06
C ASP B 132 -10.95 -39.77 6.11
N GLN B 133 -9.86 -40.44 6.49
CA GLN B 133 -9.17 -41.35 5.57
C GLN B 133 -8.05 -42.13 6.27
#